data_7IAR
#
_entry.id   7IAR
#
_cell.length_a   60.170
_cell.length_b   60.170
_cell.length_c   214.800
_cell.angle_alpha   90.00
_cell.angle_beta   90.00
_cell.angle_gamma   90.00
#
_symmetry.space_group_name_H-M   'P 43 21 2'
#
loop_
_entity.id
_entity.type
_entity.pdbx_description
1 polymer 'NS2B co-factor'
2 polymer 'NS3 protease'
3 non-polymer 2-(5-methylthiophen-2-yl)ethan-1-amine
4 water water
#
loop_
_entity_poly.entity_id
_entity_poly.type
_entity_poly.pdbx_seq_one_letter_code
_entity_poly.pdbx_strand_id
1 'polypeptide(L)' MTGKSVDMYIERAGDITWEKDAEVTGNSPRLDVALDESGDFSLVEEDGPPMRE A,C
2 'polypeptide(L)'
;GALWDVPAPKEVKKGETTDGVYRVMTRRLLGSTQVGVGVMQEGVFHTMWHVTKGAALRSGEGRLDPYWGDVKQDLVSYCG
PWKLDAAWDGLSEVQLLAVPPGERAKNIQTLPGIFKTKDGDIGAVALDYPAGTSGSPILDKSGRVIGLYGNGVVIKNGSY
VSAITQGKREEETPVE
;
B,D
#
loop_
_chem_comp.id
_chem_comp.type
_chem_comp.name
_chem_comp.formula
A1CD1 non-polymer 2-(5-methylthiophen-2-yl)ethan-1-amine 'C7 H11 N S'
#
# COMPACT_ATOMS: atom_id res chain seq x y z
N ASP A 7 20.69 1.17 8.54
CA ASP A 7 20.68 -0.15 9.18
C ASP A 7 19.27 -0.73 9.13
N MET A 8 19.20 -2.05 8.94
CA MET A 8 17.96 -2.77 8.72
C MET A 8 17.56 -3.51 9.99
N TYR A 9 16.26 -3.53 10.30
CA TYR A 9 15.78 -4.19 11.50
C TYR A 9 14.41 -4.80 11.24
N ILE A 10 13.99 -5.72 12.12
CA ILE A 10 12.74 -6.45 11.94
C ILE A 10 11.83 -6.22 13.14
N GLU A 11 10.51 -6.23 12.86
CA GLU A 11 9.46 -6.11 13.85
C GLU A 11 8.44 -7.22 13.63
N ARG A 12 8.06 -7.92 14.70
CA ARG A 12 7.08 -8.99 14.55
C ARG A 12 5.72 -8.41 14.15
N ALA A 13 5.08 -9.06 13.18
CA ALA A 13 3.80 -8.61 12.66
C ALA A 13 2.66 -9.60 12.86
N GLY A 14 2.93 -10.85 13.17
CA GLY A 14 1.86 -11.77 13.51
C GLY A 14 2.32 -13.22 13.44
N ASP A 15 1.37 -14.10 13.79
CA ASP A 15 1.56 -15.53 13.65
C ASP A 15 1.40 -15.94 12.19
N ILE A 16 2.01 -17.07 11.84
CA ILE A 16 1.80 -17.67 10.53
C ILE A 16 0.64 -18.65 10.70
N THR A 17 -0.56 -18.22 10.30
N THR A 17 -0.56 -18.22 10.30
CA THR A 17 -1.77 -19.00 10.48
CA THR A 17 -1.76 -19.01 10.48
C THR A 17 -2.70 -18.79 9.30
C THR A 17 -2.70 -18.80 9.31
N TRP A 18 -3.42 -19.86 8.96
CA TRP A 18 -4.53 -19.78 8.02
C TRP A 18 -5.73 -19.13 8.70
N GLU A 19 -6.44 -18.27 7.96
CA GLU A 19 -7.61 -17.57 8.49
C GLU A 19 -8.85 -18.00 7.71
N LYS A 20 -9.86 -18.50 8.44
CA LYS A 20 -11.05 -19.07 7.81
C LYS A 20 -11.93 -17.98 7.22
N ASP A 21 -11.84 -16.76 7.76
CA ASP A 21 -12.66 -15.64 7.30
C ASP A 21 -11.90 -14.75 6.33
N ALA A 22 -11.03 -15.33 5.50
CA ALA A 22 -10.18 -14.55 4.63
C ALA A 22 -10.93 -14.11 3.38
N GLU A 23 -10.79 -12.85 3.02
CA GLU A 23 -11.24 -12.37 1.73
C GLU A 23 -10.59 -13.18 0.62
N VAL A 24 -11.35 -13.42 -0.45
CA VAL A 24 -10.95 -14.30 -1.54
C VAL A 24 -10.95 -13.46 -2.82
N THR A 25 -9.83 -13.43 -3.52
CA THR A 25 -9.76 -12.64 -4.75
C THR A 25 -8.60 -13.10 -5.61
N GLY A 26 -8.57 -12.60 -6.84
CA GLY A 26 -7.49 -12.83 -7.77
C GLY A 26 -7.78 -13.96 -8.74
N ASN A 27 -7.28 -13.83 -9.97
N ASN A 27 -7.21 -13.86 -9.94
CA ASN A 27 -7.48 -14.85 -10.99
CA ASN A 27 -7.35 -14.86 -10.99
C ASN A 27 -6.28 -15.81 -10.98
C ASN A 27 -6.28 -15.95 -10.83
N SER A 28 -6.35 -16.83 -11.83
N SER A 28 -6.22 -16.86 -11.80
CA SER A 28 -5.36 -17.91 -11.83
CA SER A 28 -5.27 -17.97 -11.80
C SER A 28 -4.82 -18.09 -13.25
C SER A 28 -4.72 -18.15 -13.21
N PRO A 29 -3.99 -17.16 -13.70
CA PRO A 29 -3.49 -17.24 -15.08
C PRO A 29 -2.41 -18.29 -15.26
N ARG A 30 -2.39 -18.89 -16.45
CA ARG A 30 -1.34 -19.81 -16.85
C ARG A 30 -0.45 -19.11 -17.87
N LEU A 31 0.83 -18.97 -17.53
CA LEU A 31 1.78 -18.18 -18.29
C LEU A 31 3.01 -19.01 -18.62
N ASP A 32 3.49 -18.88 -19.85
CA ASP A 32 4.82 -19.35 -20.21
C ASP A 32 5.85 -18.29 -19.80
N VAL A 33 6.84 -18.68 -18.99
CA VAL A 33 7.85 -17.74 -18.53
C VAL A 33 9.23 -18.39 -18.58
N ALA A 34 10.25 -17.54 -18.59
CA ALA A 34 11.63 -17.94 -18.45
C ALA A 34 12.25 -17.19 -17.29
N LEU A 35 13.17 -17.86 -16.60
CA LEU A 35 13.89 -17.29 -15.47
C LEU A 35 15.35 -17.16 -15.85
N ASP A 36 15.87 -15.93 -15.83
CA ASP A 36 17.25 -15.70 -16.24
C ASP A 36 18.18 -15.74 -15.03
N GLU A 37 19.47 -15.51 -15.30
CA GLU A 37 20.47 -15.71 -14.26
C GLU A 37 20.36 -14.69 -13.14
N SER A 38 19.80 -13.51 -13.43
CA SER A 38 19.62 -12.48 -12.42
C SER A 38 18.36 -12.66 -11.60
N GLY A 39 17.66 -13.79 -11.77
CA GLY A 39 16.45 -14.05 -11.02
C GLY A 39 15.22 -13.34 -11.56
N ASP A 40 15.29 -12.77 -12.75
CA ASP A 40 14.16 -12.07 -13.35
C ASP A 40 13.34 -13.02 -14.21
N PHE A 41 12.03 -13.08 -13.94
CA PHE A 41 11.10 -13.77 -14.80
C PHE A 41 10.72 -12.88 -16.00
N SER A 42 10.56 -13.50 -17.16
CA SER A 42 10.03 -12.81 -18.33
C SER A 42 9.06 -13.72 -19.06
N LEU A 43 8.10 -13.11 -19.75
CA LEU A 43 7.17 -13.88 -20.55
C LEU A 43 7.87 -14.51 -21.75
N VAL A 44 7.32 -15.63 -22.20
CA VAL A 44 7.79 -16.31 -23.40
C VAL A 44 6.60 -16.57 -24.31
N GLU A 45 6.83 -16.50 -25.61
CA GLU A 45 5.81 -16.80 -26.61
C GLU A 45 6.38 -17.69 -27.71
N THR B 17 13.95 -13.84 17.29
CA THR B 17 14.06 -15.29 17.43
C THR B 17 12.71 -16.00 17.33
N THR B 18 11.64 -15.34 17.78
CA THR B 18 10.35 -15.99 17.90
C THR B 18 9.70 -16.25 16.54
N ASP B 19 9.07 -17.41 16.40
CA ASP B 19 8.37 -17.76 15.17
C ASP B 19 7.37 -16.67 14.81
N GLY B 20 7.22 -16.42 13.52
CA GLY B 20 6.17 -15.55 13.03
C GLY B 20 6.57 -14.86 11.76
N VAL B 21 5.69 -13.97 11.30
CA VAL B 21 5.94 -13.11 10.15
C VAL B 21 6.37 -11.74 10.65
N TYR B 22 7.35 -11.15 9.97
CA TYR B 22 8.00 -9.93 10.43
C TYR B 22 8.10 -8.90 9.32
N ARG B 23 7.98 -7.62 9.70
CA ARG B 23 8.35 -6.52 8.82
C ARG B 23 9.87 -6.38 8.79
N VAL B 24 10.39 -6.06 7.61
CA VAL B 24 11.79 -5.66 7.43
C VAL B 24 11.82 -4.16 7.19
N MET B 25 12.45 -3.42 8.11
CA MET B 25 12.43 -1.97 8.15
C MET B 25 13.84 -1.43 7.92
N THR B 26 13.91 -0.19 7.42
CA THR B 26 15.20 0.45 7.18
C THR B 26 15.14 1.91 7.62
N ARG B 27 16.29 2.41 8.06
CA ARG B 27 16.48 3.82 8.33
C ARG B 27 17.71 4.34 7.59
N LEU B 30 16.50 9.67 7.70
CA LEU B 30 15.33 10.43 8.09
C LEU B 30 14.07 9.58 8.01
N GLY B 31 13.68 9.00 9.15
CA GLY B 31 12.48 8.20 9.23
C GLY B 31 12.70 6.76 8.78
N SER B 32 11.70 5.94 9.08
CA SER B 32 11.74 4.52 8.76
C SER B 32 10.82 4.22 7.59
N THR B 33 11.19 3.18 6.84
CA THR B 33 10.39 2.67 5.74
C THR B 33 10.42 1.16 5.81
N GLN B 34 9.31 0.53 5.44
CA GLN B 34 9.25 -0.92 5.36
C GLN B 34 9.67 -1.33 3.95
N VAL B 35 10.78 -2.08 3.86
CA VAL B 35 11.28 -2.53 2.57
C VAL B 35 10.84 -3.95 2.24
N GLY B 36 10.36 -4.71 3.22
CA GLY B 36 9.90 -6.06 2.93
C GLY B 36 9.37 -6.77 4.14
N VAL B 37 9.34 -8.09 4.03
CA VAL B 37 8.68 -8.98 4.99
C VAL B 37 9.47 -10.28 5.00
N GLY B 38 9.40 -11.00 6.12
CA GLY B 38 10.08 -12.28 6.18
C GLY B 38 9.46 -13.19 7.20
N VAL B 39 9.94 -14.42 7.22
CA VAL B 39 9.37 -15.51 8.01
C VAL B 39 10.45 -16.03 8.95
N MET B 40 10.15 -16.02 10.24
CA MET B 40 10.99 -16.65 11.25
C MET B 40 10.42 -18.03 11.55
N GLN B 41 11.22 -19.07 11.34
CA GLN B 41 10.79 -20.44 11.62
C GLN B 41 12.02 -21.27 11.96
N GLU B 42 11.94 -22.01 13.06
CA GLU B 42 13.00 -22.91 13.48
C GLU B 42 14.32 -22.16 13.68
N GLY B 43 14.23 -20.94 14.17
CA GLY B 43 15.41 -20.13 14.46
C GLY B 43 16.07 -19.51 13.27
N VAL B 44 15.45 -19.57 12.09
CA VAL B 44 16.01 -19.05 10.85
C VAL B 44 15.06 -18.00 10.30
N PHE B 45 15.60 -16.87 9.86
CA PHE B 45 14.80 -15.83 9.23
C PHE B 45 14.93 -15.96 7.72
N HIS B 46 13.79 -15.94 7.04
CA HIS B 46 13.69 -16.19 5.61
C HIS B 46 13.10 -14.95 4.94
N THR B 47 13.75 -14.45 3.90
CA THR B 47 13.19 -13.36 3.13
C THR B 47 13.74 -13.44 1.71
N MET B 48 13.40 -12.45 0.88
CA MET B 48 13.82 -12.44 -0.50
C MET B 48 15.09 -11.61 -0.64
N TRP B 49 15.99 -12.08 -1.50
CA TRP B 49 17.27 -11.41 -1.67
C TRP B 49 17.08 -9.94 -2.00
N HIS B 50 16.18 -9.61 -2.91
CA HIS B 50 16.04 -8.22 -3.35
C HIS B 50 15.57 -7.32 -2.23
N VAL B 51 15.09 -7.87 -1.12
CA VAL B 51 14.67 -7.04 0.01
C VAL B 51 15.88 -6.55 0.80
N THR B 52 16.80 -7.45 1.15
CA THR B 52 17.91 -7.10 2.02
C THR B 52 19.26 -7.11 1.34
N LYS B 53 19.40 -7.79 0.21
CA LYS B 53 20.69 -8.00 -0.43
C LYS B 53 21.68 -8.66 0.52
N GLY B 54 21.17 -9.44 1.49
CA GLY B 54 22.02 -10.13 2.42
C GLY B 54 22.57 -9.30 3.56
N ALA B 55 22.14 -8.04 3.67
CA ALA B 55 22.59 -7.20 4.78
C ALA B 55 22.21 -7.83 6.12
N ALA B 56 23.08 -7.64 7.11
CA ALA B 56 22.75 -8.07 8.46
C ALA B 56 21.50 -7.34 8.95
N LEU B 57 20.76 -8.00 9.84
CA LEU B 57 19.50 -7.50 10.34
C LEU B 57 19.53 -7.36 11.85
N ARG B 58 19.03 -6.23 12.34
CA ARG B 58 18.88 -6.01 13.77
C ARG B 58 17.56 -6.58 14.24
N SER B 59 17.59 -7.29 15.36
CA SER B 59 16.38 -7.79 16.02
C SER B 59 16.53 -7.50 17.50
N GLY B 60 15.82 -6.46 17.97
CA GLY B 60 16.01 -6.03 19.34
C GLY B 60 17.43 -5.53 19.51
N GLU B 61 18.12 -6.07 20.52
CA GLU B 61 19.53 -5.79 20.71
C GLU B 61 20.43 -6.76 19.96
N GLY B 62 19.86 -7.80 19.34
CA GLY B 62 20.66 -8.79 18.65
C GLY B 62 20.82 -8.51 17.17
N ARG B 63 21.78 -9.20 16.57
CA ARG B 63 22.08 -9.10 15.15
C ARG B 63 21.83 -10.45 14.50
N LEU B 64 21.16 -10.45 13.35
CA LEU B 64 20.97 -11.65 12.54
C LEU B 64 21.92 -11.59 11.35
N ASP B 65 22.82 -12.57 11.26
CA ASP B 65 23.79 -12.60 10.18
C ASP B 65 23.33 -13.52 9.05
N PRO B 66 23.60 -13.16 7.80
CA PRO B 66 23.18 -14.03 6.69
C PRO B 66 23.95 -15.34 6.71
N TYR B 67 23.32 -16.36 6.17
CA TYR B 67 23.83 -17.71 6.17
C TYR B 67 23.87 -18.34 4.78
N TRP B 68 22.86 -18.05 3.96
CA TRP B 68 22.75 -18.58 2.61
C TRP B 68 21.95 -17.59 1.77
N GLY B 69 22.32 -17.46 0.50
CA GLY B 69 21.59 -16.60 -0.40
C GLY B 69 21.82 -16.98 -1.84
N ASP B 70 20.84 -16.65 -2.68
CA ASP B 70 20.91 -17.01 -4.09
C ASP B 70 20.11 -16.01 -4.90
N VAL B 71 20.80 -15.28 -5.78
CA VAL B 71 20.14 -14.21 -6.54
C VAL B 71 19.13 -14.78 -7.53
N LYS B 72 19.44 -15.94 -8.13
CA LYS B 72 18.52 -16.49 -9.13
C LYS B 72 17.21 -16.92 -8.48
N GLN B 73 17.27 -17.56 -7.31
CA GLN B 73 16.04 -17.86 -6.59
C GLN B 73 15.47 -16.64 -5.89
N ASP B 74 16.25 -15.57 -5.75
CA ASP B 74 15.84 -14.35 -5.05
C ASP B 74 15.49 -14.65 -3.59
N LEU B 75 16.32 -15.45 -2.92
CA LEU B 75 16.08 -15.83 -1.55
C LEU B 75 17.34 -15.67 -0.70
N VAL B 76 17.12 -15.49 0.60
CA VAL B 76 18.20 -15.42 1.57
C VAL B 76 17.68 -15.94 2.91
N SER B 77 18.57 -16.57 3.69
CA SER B 77 18.25 -17.03 5.03
C SER B 77 19.29 -16.49 6.00
N TYR B 78 18.86 -16.30 7.25
CA TYR B 78 19.69 -15.76 8.31
C TYR B 78 19.70 -16.72 9.50
N CYS B 79 20.88 -16.91 10.10
CA CYS B 79 21.11 -17.69 11.30
C CYS B 79 21.22 -19.18 11.01
N GLY B 80 20.86 -19.64 9.82
CA GLY B 80 20.91 -21.05 9.49
C GLY B 80 20.37 -21.30 8.10
N PRO B 81 20.32 -22.57 7.70
CA PRO B 81 19.89 -22.90 6.34
C PRO B 81 18.38 -22.76 6.17
N TRP B 82 17.99 -22.53 4.92
CA TRP B 82 16.57 -22.42 4.58
C TRP B 82 15.79 -23.61 5.11
N LYS B 83 14.68 -23.32 5.80
CA LYS B 83 13.92 -24.33 6.53
C LYS B 83 12.56 -24.64 5.93
N LEU B 84 12.06 -23.81 5.03
CA LEU B 84 10.71 -23.96 4.49
C LEU B 84 10.75 -24.88 3.29
N ASP B 85 9.88 -25.89 3.27
CA ASP B 85 9.91 -26.87 2.20
C ASP B 85 8.54 -27.37 1.75
N ALA B 86 7.46 -26.90 2.34
CA ALA B 86 6.14 -27.24 1.81
C ALA B 86 5.95 -26.64 0.43
N ALA B 87 5.06 -27.26 -0.36
CA ALA B 87 4.86 -26.85 -1.75
C ALA B 87 3.38 -26.88 -2.08
N TRP B 88 2.97 -25.98 -2.98
CA TRP B 88 1.60 -25.98 -3.48
C TRP B 88 1.24 -27.34 -4.07
N ASP B 89 0.03 -27.80 -3.77
CA ASP B 89 -0.43 -29.09 -4.26
C ASP B 89 -1.01 -29.03 -5.67
N GLY B 90 -1.09 -27.84 -6.27
CA GLY B 90 -1.50 -27.70 -7.65
C GLY B 90 -3.00 -27.66 -7.87
N LEU B 91 -3.80 -27.80 -6.82
CA LEU B 91 -5.26 -27.87 -6.96
C LEU B 91 -5.98 -26.94 -6.00
N SER B 92 -5.38 -26.72 -4.82
CA SER B 92 -6.08 -26.10 -3.71
C SER B 92 -5.82 -24.60 -3.65
N GLU B 93 -6.79 -23.90 -3.07
CA GLU B 93 -6.60 -22.49 -2.77
C GLU B 93 -5.56 -22.32 -1.67
N VAL B 94 -4.87 -21.19 -1.71
CA VAL B 94 -3.83 -20.84 -0.75
C VAL B 94 -4.19 -19.49 -0.14
N GLN B 95 -3.37 -19.04 0.80
CA GLN B 95 -3.54 -17.72 1.40
C GLN B 95 -2.22 -16.98 1.40
N LEU B 96 -2.23 -15.78 0.82
CA LEU B 96 -1.15 -14.83 1.01
C LEU B 96 -1.34 -14.16 2.37
N LEU B 97 -0.35 -14.30 3.24
CA LEU B 97 -0.33 -13.58 4.52
C LEU B 97 0.41 -12.27 4.27
N ALA B 98 -0.34 -11.31 3.73
CA ALA B 98 0.23 -10.03 3.32
C ALA B 98 0.49 -9.16 4.55
N VAL B 99 1.68 -8.56 4.60
CA VAL B 99 1.98 -7.58 5.64
C VAL B 99 2.37 -6.28 4.95
N PRO B 100 1.40 -5.50 4.47
CA PRO B 100 1.74 -4.27 3.76
C PRO B 100 2.26 -3.22 4.72
N PRO B 101 3.08 -2.29 4.24
CA PRO B 101 3.51 -1.17 5.09
C PRO B 101 2.31 -0.45 5.70
N GLY B 102 2.38 -0.22 7.00
CA GLY B 102 1.36 0.53 7.69
C GLY B 102 0.06 -0.19 7.95
N GLU B 103 -0.04 -1.47 7.59
CA GLU B 103 -1.28 -2.21 7.71
C GLU B 103 -1.09 -3.48 8.51
N ARG B 104 -2.13 -3.86 9.23
CA ARG B 104 -2.16 -5.12 9.96
C ARG B 104 -1.98 -6.30 9.02
N ALA B 105 -1.23 -7.30 9.46
CA ALA B 105 -1.14 -8.55 8.72
C ALA B 105 -2.53 -9.04 8.34
N LYS B 106 -2.71 -9.41 7.08
CA LYS B 106 -4.02 -9.82 6.58
C LYS B 106 -3.88 -10.99 5.61
N ASN B 107 -4.85 -11.90 5.65
CA ASN B 107 -4.82 -13.11 4.84
C ASN B 107 -5.70 -12.93 3.61
N ILE B 108 -5.14 -13.19 2.43
CA ILE B 108 -5.84 -13.06 1.15
C ILE B 108 -5.85 -14.44 0.52
N GLN B 109 -7.03 -15.04 0.39
CA GLN B 109 -7.15 -16.38 -0.17
C GLN B 109 -7.29 -16.29 -1.70
N THR B 110 -6.72 -17.26 -2.39
CA THR B 110 -6.72 -17.26 -3.85
C THR B 110 -6.39 -18.65 -4.36
N LEU B 111 -6.80 -18.91 -5.61
CA LEU B 111 -6.33 -20.07 -6.34
C LEU B 111 -5.15 -19.67 -7.20
N PRO B 112 -3.95 -20.21 -6.95
CA PRO B 112 -2.81 -19.84 -7.79
C PRO B 112 -3.04 -20.19 -9.26
N GLY B 113 -2.45 -19.37 -10.13
CA GLY B 113 -2.18 -19.76 -11.49
C GLY B 113 -0.85 -20.50 -11.55
N ILE B 114 -0.27 -20.54 -12.75
CA ILE B 114 0.91 -21.38 -13.00
C ILE B 114 1.91 -20.62 -13.85
N PHE B 115 3.17 -20.60 -13.41
CA PHE B 115 4.29 -20.27 -14.29
C PHE B 115 4.78 -21.57 -14.93
N LYS B 116 4.64 -21.68 -16.25
CA LYS B 116 5.15 -22.82 -16.99
C LYS B 116 6.56 -22.47 -17.49
N THR B 117 7.56 -23.19 -17.01
CA THR B 117 8.94 -22.99 -17.43
C THR B 117 9.53 -24.28 -17.97
N LYS B 118 10.68 -24.14 -18.63
CA LYS B 118 11.39 -25.29 -19.18
C LYS B 118 11.82 -26.27 -18.11
N ASP B 119 11.97 -25.81 -16.86
CA ASP B 119 12.40 -26.65 -15.76
C ASP B 119 11.24 -27.10 -14.86
N GLY B 120 10.00 -26.91 -15.31
CA GLY B 120 8.83 -27.34 -14.57
C GLY B 120 7.95 -26.17 -14.20
N ASP B 121 6.80 -26.51 -13.60
CA ASP B 121 5.78 -25.52 -13.28
C ASP B 121 5.94 -25.00 -11.86
N ILE B 122 5.53 -23.74 -11.69
CA ILE B 122 5.64 -23.00 -10.43
C ILE B 122 4.29 -22.36 -10.16
N GLY B 123 3.80 -22.48 -8.93
CA GLY B 123 2.61 -21.74 -8.56
C GLY B 123 2.85 -20.24 -8.63
N ALA B 124 1.77 -19.51 -8.93
CA ALA B 124 1.85 -18.05 -9.03
C ALA B 124 0.54 -17.46 -8.56
N VAL B 125 0.59 -16.32 -7.88
CA VAL B 125 -0.61 -15.66 -7.38
C VAL B 125 -0.74 -14.29 -8.04
N ALA B 126 -1.93 -14.02 -8.57
CA ALA B 126 -2.24 -12.80 -9.31
C ALA B 126 -2.79 -11.75 -8.33
N LEU B 127 -1.91 -11.34 -7.44
CA LEU B 127 -2.21 -10.38 -6.38
C LEU B 127 -1.17 -9.27 -6.43
N ASP B 128 -1.61 -8.03 -6.25
CA ASP B 128 -0.75 -6.87 -6.44
C ASP B 128 -0.78 -5.99 -5.19
N TYR B 129 0.23 -6.14 -4.33
CA TYR B 129 0.37 -5.34 -3.11
C TYR B 129 1.63 -4.48 -3.15
N PRO B 130 1.76 -3.49 -2.26
CA PRO B 130 2.91 -2.58 -2.34
C PRO B 130 4.24 -3.31 -2.22
N ALA B 131 5.27 -2.67 -2.78
CA ALA B 131 6.58 -3.31 -2.89
C ALA B 131 7.10 -3.77 -1.53
N GLY B 132 6.80 -3.03 -0.47
CA GLY B 132 7.23 -3.41 0.86
C GLY B 132 6.56 -4.64 1.41
N THR B 133 5.63 -5.22 0.67
CA THR B 133 5.03 -6.50 1.01
C THR B 133 5.89 -7.67 0.55
N SER B 134 6.92 -7.40 -0.26
CA SER B 134 7.79 -8.46 -0.75
C SER B 134 8.38 -9.26 0.40
N GLY B 135 8.29 -10.59 0.28
CA GLY B 135 8.72 -11.50 1.32
C GLY B 135 7.59 -12.02 2.17
N SER B 136 6.36 -11.57 1.94
CA SER B 136 5.22 -12.09 2.68
C SER B 136 5.02 -13.56 2.34
N PRO B 137 4.70 -14.39 3.33
CA PRO B 137 4.56 -15.82 3.07
C PRO B 137 3.22 -16.17 2.44
N ILE B 138 3.25 -17.22 1.63
CA ILE B 138 2.06 -17.83 1.06
C ILE B 138 1.87 -19.17 1.77
N LEU B 139 0.63 -19.45 2.19
CA LEU B 139 0.33 -20.57 3.07
C LEU B 139 -0.62 -21.57 2.42
N ASP B 140 -0.43 -22.85 2.74
CA ASP B 140 -1.41 -23.86 2.39
C ASP B 140 -2.40 -24.04 3.54
N LYS B 141 -3.40 -24.89 3.32
CA LYS B 141 -4.50 -25.01 4.28
C LYS B 141 -4.02 -25.50 5.63
N SER B 142 -2.89 -26.20 5.69
CA SER B 142 -2.34 -26.66 6.95
C SER B 142 -1.53 -25.59 7.68
N GLY B 143 -1.41 -24.39 7.10
CA GLY B 143 -0.63 -23.33 7.70
C GLY B 143 0.85 -23.35 7.40
N ARG B 144 1.30 -24.25 6.53
CA ARG B 144 2.71 -24.33 6.18
C ARG B 144 3.04 -23.31 5.10
N VAL B 145 4.23 -22.73 5.17
CA VAL B 145 4.67 -21.75 4.19
C VAL B 145 5.14 -22.49 2.93
N ILE B 146 4.42 -22.27 1.82
CA ILE B 146 4.76 -22.89 0.54
C ILE B 146 5.60 -21.99 -0.35
N GLY B 147 5.87 -20.77 0.07
CA GLY B 147 6.74 -19.87 -0.68
C GLY B 147 6.58 -18.45 -0.18
N LEU B 148 7.35 -17.56 -0.81
CA LEU B 148 7.32 -16.14 -0.49
C LEU B 148 6.86 -15.32 -1.69
N TYR B 149 6.22 -14.19 -1.40
CA TYR B 149 5.62 -13.31 -2.39
C TYR B 149 6.58 -12.20 -2.77
N GLY B 150 6.67 -11.91 -4.07
CA GLY B 150 7.34 -10.69 -4.51
C GLY B 150 8.35 -10.77 -5.63
N ASN B 151 8.51 -11.92 -6.29
CA ASN B 151 9.28 -12.01 -7.52
C ASN B 151 8.35 -12.55 -8.60
N GLY B 152 8.16 -11.77 -9.66
CA GLY B 152 7.16 -12.13 -10.63
C GLY B 152 7.31 -11.45 -11.99
N VAL B 153 6.18 -11.35 -12.69
CA VAL B 153 6.11 -10.80 -14.03
C VAL B 153 4.86 -9.94 -14.13
N VAL B 154 4.82 -9.12 -15.18
CA VAL B 154 3.66 -8.29 -15.51
C VAL B 154 3.03 -8.83 -16.80
N ILE B 155 1.70 -8.84 -16.83
CA ILE B 155 0.96 -9.31 -17.99
C ILE B 155 -0.05 -8.25 -18.44
N GLY B 158 -0.96 -4.90 -17.51
CA GLY B 158 -0.64 -4.03 -16.39
C GLY B 158 -0.69 -4.71 -15.03
N SER B 159 -0.99 -6.01 -15.03
CA SER B 159 -1.26 -6.74 -13.80
C SER B 159 -0.05 -7.56 -13.38
N TYR B 160 0.37 -7.38 -12.13
CA TYR B 160 1.51 -8.12 -11.58
C TYR B 160 1.06 -9.51 -11.14
N VAL B 161 1.93 -10.49 -11.39
CA VAL B 161 1.72 -11.87 -10.94
C VAL B 161 3.00 -12.32 -10.26
N SER B 162 2.89 -12.83 -9.04
CA SER B 162 4.05 -13.23 -8.26
C SER B 162 4.21 -14.74 -8.33
N ALA B 163 5.43 -15.20 -8.58
CA ALA B 163 5.75 -16.59 -8.34
C ALA B 163 5.54 -16.94 -6.88
N ILE B 164 5.19 -18.18 -6.61
CA ILE B 164 5.28 -18.73 -5.25
C ILE B 164 6.70 -19.26 -5.13
N THR B 165 7.60 -18.45 -4.56
CA THR B 165 9.03 -18.76 -4.54
C THR B 165 9.37 -19.53 -3.27
N GLN B 166 9.77 -20.80 -3.44
CA GLN B 166 10.17 -21.65 -2.34
C GLN B 166 11.62 -22.09 -2.50
N GLY B 167 12.34 -22.19 -1.39
CA GLY B 167 13.72 -22.63 -1.39
C GLY B 167 13.82 -24.13 -1.29
N LYS B 168 15.04 -24.59 -1.08
CA LYS B 168 15.34 -26.02 -0.98
C LYS B 168 15.88 -26.32 0.42
N ARG B 169 15.35 -27.37 1.04
CA ARG B 169 15.75 -27.79 2.37
C ARG B 169 16.66 -29.02 2.30
N ASP C 7 -12.35 14.68 20.15
CA ASP C 7 -11.71 13.37 20.05
C ASP C 7 -10.52 13.36 19.11
N MET C 8 -10.49 14.29 18.15
CA MET C 8 -9.45 14.33 17.13
C MET C 8 -8.71 15.66 17.16
N TYR C 9 -7.44 15.62 16.74
CA TYR C 9 -6.62 16.82 16.60
C TYR C 9 -5.78 16.67 15.35
N ILE C 10 -5.23 17.80 14.88
CA ILE C 10 -4.39 17.82 13.69
C ILE C 10 -2.99 18.24 14.08
N GLU C 11 -2.00 17.71 13.37
CA GLU C 11 -0.62 18.11 13.57
C GLU C 11 0.11 18.13 12.24
N ARG C 12 1.01 19.10 12.10
CA ARG C 12 1.62 19.39 10.82
C ARG C 12 2.45 18.20 10.33
N ALA C 13 2.38 17.96 9.02
CA ALA C 13 3.14 16.91 8.36
C ALA C 13 4.06 17.41 7.26
N GLY C 14 3.89 18.63 6.78
CA GLY C 14 4.83 19.18 5.81
C GLY C 14 4.22 20.34 5.04
N ASP C 15 5.09 20.97 4.25
CA ASP C 15 4.69 21.93 3.24
C ASP C 15 4.10 21.16 2.04
N ILE C 16 3.29 21.85 1.25
CA ILE C 16 2.73 21.27 0.03
C ILE C 16 3.53 21.80 -1.15
N THR C 17 4.32 20.91 -1.77
CA THR C 17 5.15 21.29 -2.90
C THR C 17 5.31 20.10 -3.84
N TRP C 18 5.51 20.41 -5.11
CA TRP C 18 5.94 19.42 -6.09
C TRP C 18 7.42 19.10 -5.88
N GLU C 19 7.76 17.82 -5.95
CA GLU C 19 9.14 17.38 -5.80
C GLU C 19 9.68 16.99 -7.17
N LYS C 20 10.75 17.67 -7.59
CA LYS C 20 11.22 17.53 -8.96
C LYS C 20 11.78 16.13 -9.24
N ASP C 21 12.40 15.51 -8.25
CA ASP C 21 13.02 14.21 -8.48
C ASP C 21 12.23 13.11 -7.79
N ALA C 22 10.91 13.13 -7.97
CA ALA C 22 10.04 12.13 -7.36
C ALA C 22 10.00 10.87 -8.22
N GLU C 23 9.87 9.73 -7.53
CA GLU C 23 9.70 8.45 -8.20
C GLU C 23 8.36 8.41 -8.91
N VAL C 24 8.36 7.87 -10.13
CA VAL C 24 7.13 7.66 -10.90
C VAL C 24 6.73 6.20 -10.73
N THR C 25 5.45 5.96 -10.44
CA THR C 25 4.96 4.59 -10.33
C THR C 25 3.44 4.59 -10.53
N GLY C 26 2.90 3.39 -10.71
CA GLY C 26 1.48 3.22 -10.92
C GLY C 26 1.11 3.17 -12.39
N ASN C 27 0.03 2.48 -12.68
CA ASN C 27 -0.53 2.45 -14.02
C ASN C 27 -1.67 3.46 -14.10
N SER C 28 -2.40 3.44 -15.21
CA SER C 28 -3.40 4.46 -15.55
C SER C 28 -4.67 3.76 -16.01
N PRO C 29 -5.37 3.09 -15.09
CA PRO C 29 -6.52 2.28 -15.51
C PRO C 29 -7.71 3.12 -15.88
N ARG C 30 -8.48 2.61 -16.83
CA ARG C 30 -9.78 3.18 -17.21
C ARG C 30 -10.84 2.22 -16.69
N LEU C 31 -11.56 2.63 -15.64
CA LEU C 31 -12.48 1.75 -14.92
C LEU C 31 -13.89 2.32 -14.97
N ASP C 32 -14.85 1.46 -15.25
CA ASP C 32 -16.26 1.81 -15.14
C ASP C 32 -16.69 1.64 -13.68
N VAL C 33 -17.12 2.72 -13.04
CA VAL C 33 -17.49 2.71 -11.64
C VAL C 33 -18.85 3.38 -11.46
N ALA C 34 -19.49 3.07 -10.34
CA ALA C 34 -20.69 3.77 -9.91
C ALA C 34 -20.45 4.39 -8.53
N LEU C 35 -21.07 5.54 -8.30
CA LEU C 35 -21.00 6.28 -7.05
C LEU C 35 -22.38 6.26 -6.42
N ASP C 36 -22.53 5.59 -5.28
CA ASP C 36 -23.83 5.53 -4.63
C ASP C 36 -24.03 6.74 -3.73
N GLU C 37 -25.27 6.95 -3.30
CA GLU C 37 -25.61 8.15 -2.55
C GLU C 37 -24.88 8.24 -1.22
N SER C 38 -24.26 7.15 -0.76
CA SER C 38 -23.44 7.19 0.45
C SER C 38 -22.01 7.65 0.17
N GLY C 39 -21.67 7.97 -1.09
CA GLY C 39 -20.33 8.38 -1.42
C GLY C 39 -19.36 7.24 -1.61
N ASP C 40 -19.86 6.05 -1.94
CA ASP C 40 -19.02 4.87 -2.14
C ASP C 40 -18.94 4.54 -3.63
N PHE C 41 -17.72 4.35 -4.11
CA PHE C 41 -17.48 3.86 -5.46
C PHE C 41 -17.55 2.34 -5.48
N SER C 42 -18.11 1.78 -6.56
CA SER C 42 -18.06 0.35 -6.79
C SER C 42 -17.76 0.10 -8.27
N LEU C 43 -17.16 -1.04 -8.55
CA LEU C 43 -16.93 -1.45 -9.93
C LEU C 43 -18.24 -1.94 -10.54
N VAL C 44 -18.48 -1.56 -11.78
CA VAL C 44 -19.67 -1.99 -12.50
C VAL C 44 -19.39 -3.34 -13.15
N GLU C 45 -20.41 -4.19 -13.18
CA GLU C 45 -20.32 -5.47 -13.87
C GLU C 45 -21.10 -5.42 -15.19
N VAL D 12 2.08 35.65 16.11
CA VAL D 12 2.58 35.79 14.75
C VAL D 12 2.17 37.15 14.16
N LYS D 13 2.53 37.37 12.90
CA LYS D 13 2.13 38.58 12.20
C LYS D 13 0.67 38.47 11.77
N LYS D 14 0.00 39.61 11.73
CA LYS D 14 -1.41 39.60 11.32
C LYS D 14 -1.51 39.06 9.90
N GLY D 15 -2.30 37.99 9.74
CA GLY D 15 -2.51 37.37 8.45
C GLY D 15 -1.70 36.12 8.20
N GLU D 16 -0.76 35.78 9.08
CA GLU D 16 0.08 34.61 8.91
C GLU D 16 -0.69 33.35 9.28
N THR D 17 -1.37 32.76 8.31
CA THR D 17 -2.05 31.49 8.51
C THR D 17 -1.08 30.33 8.27
N THR D 18 -1.52 29.13 8.63
CA THR D 18 -0.62 27.98 8.75
C THR D 18 -0.85 26.95 7.65
N ASP D 19 -0.56 27.34 6.41
CA ASP D 19 -0.73 26.43 5.28
C ASP D 19 0.16 25.21 5.42
N GLY D 20 -0.29 24.09 4.87
CA GLY D 20 0.47 22.85 4.92
C GLY D 20 -0.46 21.66 4.90
N VAL D 21 0.18 20.48 4.96
CA VAL D 21 -0.54 19.21 5.03
C VAL D 21 -0.42 18.71 6.47
N TYR D 22 -1.52 18.15 6.98
CA TYR D 22 -1.66 17.81 8.39
C TYR D 22 -2.18 16.39 8.54
N ARG D 23 -1.71 15.73 9.59
CA ARG D 23 -2.26 14.45 10.01
C ARG D 23 -3.48 14.68 10.89
N VAL D 24 -4.48 13.82 10.73
CA VAL D 24 -5.67 13.83 11.58
C VAL D 24 -5.56 12.65 12.52
N MET D 25 -5.44 12.95 13.82
CA MET D 25 -5.10 11.97 14.84
C MET D 25 -6.22 11.86 15.86
N THR D 26 -6.38 10.66 16.41
CA THR D 26 -7.24 10.46 17.56
C THR D 26 -6.45 10.69 18.84
N ARG D 27 -7.17 10.93 19.93
CA ARG D 27 -6.53 11.12 21.22
C ARG D 27 -6.16 9.76 21.82
N ARG D 28 -5.18 9.79 22.73
CA ARG D 28 -4.63 8.60 23.36
C ARG D 28 -5.68 7.57 23.77
N LEU D 29 -6.92 8.01 24.01
CA LEU D 29 -7.96 7.07 24.39
C LEU D 29 -8.21 6.02 23.31
N LEU D 30 -7.99 6.38 22.05
CA LEU D 30 -8.30 5.51 20.92
C LEU D 30 -7.06 4.94 20.25
N GLY D 31 -5.90 5.03 20.91
CA GLY D 31 -4.66 4.51 20.37
C GLY D 31 -3.74 5.54 19.76
N SER D 32 -4.13 6.82 19.79
CA SER D 32 -3.39 7.88 19.09
C SER D 32 -3.04 7.45 17.67
N THR D 33 -4.07 7.04 16.93
CA THR D 33 -3.90 6.53 15.58
C THR D 33 -4.20 7.62 14.57
N GLN D 34 -3.46 7.61 13.47
CA GLN D 34 -3.74 8.52 12.37
C GLN D 34 -4.93 7.95 11.58
N VAL D 35 -6.04 8.67 11.57
CA VAL D 35 -7.22 8.25 10.81
C VAL D 35 -7.32 8.94 9.47
N GLY D 36 -6.54 9.99 9.25
CA GLY D 36 -6.54 10.62 7.95
C GLY D 36 -5.55 11.76 7.88
N VAL D 37 -5.79 12.63 6.89
CA VAL D 37 -4.87 13.69 6.50
C VAL D 37 -5.73 14.82 5.96
N GLY D 38 -5.19 16.03 5.99
CA GLY D 38 -5.89 17.15 5.38
C GLY D 38 -4.98 18.28 4.96
N VAL D 39 -5.56 19.23 4.25
CA VAL D 39 -4.86 20.37 3.68
C VAL D 39 -5.34 21.64 4.37
N MET D 40 -4.41 22.39 4.94
CA MET D 40 -4.69 23.73 5.46
C MET D 40 -4.28 24.72 4.39
N GLN D 41 -5.25 25.46 3.84
CA GLN D 41 -4.94 26.46 2.84
C GLN D 41 -5.91 27.62 2.98
N GLU D 42 -5.37 28.84 2.99
CA GLU D 42 -6.17 30.05 3.05
C GLU D 42 -7.09 30.03 4.28
N GLY D 43 -6.58 29.52 5.39
CA GLY D 43 -7.31 29.52 6.64
C GLY D 43 -8.36 28.45 6.79
N VAL D 44 -8.44 27.52 5.84
CA VAL D 44 -9.49 26.50 5.82
C VAL D 44 -8.83 25.13 5.82
N PHE D 45 -9.38 24.22 6.63
CA PHE D 45 -8.89 22.84 6.67
C PHE D 45 -9.80 21.96 5.82
N HIS D 46 -9.18 21.20 4.92
CA HIS D 46 -9.86 20.40 3.91
C HIS D 46 -9.52 18.94 4.15
N THR D 47 -10.53 18.10 4.35
CA THR D 47 -10.29 16.66 4.43
C THR D 47 -11.50 15.93 3.87
N MET D 48 -11.45 14.59 3.94
CA MET D 48 -12.54 13.76 3.44
C MET D 48 -13.54 13.48 4.56
N TRP D 49 -14.81 13.40 4.17
CA TRP D 49 -15.87 13.23 5.16
C TRP D 49 -15.68 11.94 5.96
N HIS D 50 -15.27 10.86 5.30
CA HIS D 50 -15.17 9.58 5.99
C HIS D 50 -14.07 9.57 7.05
N VAL D 51 -13.18 10.56 7.04
CA VAL D 51 -12.12 10.62 8.04
C VAL D 51 -12.65 11.16 9.37
N THR D 52 -13.33 12.31 9.33
CA THR D 52 -13.82 12.97 10.55
C THR D 52 -15.32 12.87 10.75
N LYS D 53 -16.09 12.64 9.68
CA LYS D 53 -17.54 12.74 9.73
C LYS D 53 -17.98 14.12 10.24
N GLY D 54 -17.20 15.14 9.93
CA GLY D 54 -17.54 16.50 10.32
C GLY D 54 -17.36 16.82 11.79
N ALA D 55 -16.78 15.91 12.58
CA ALA D 55 -16.56 16.19 13.99
C ALA D 55 -15.54 17.32 14.14
N ALA D 56 -15.73 18.11 15.21
CA ALA D 56 -14.81 19.22 15.48
C ALA D 56 -13.40 18.70 15.73
N LEU D 57 -12.42 19.53 15.39
CA LEU D 57 -11.02 19.16 15.49
C LEU D 57 -10.27 20.13 16.39
N ARG D 58 -9.30 19.60 17.12
CA ARG D 58 -8.41 20.43 17.93
C ARG D 58 -7.19 20.81 17.10
N SER D 59 -6.78 22.07 17.22
CA SER D 59 -5.57 22.59 16.57
C SER D 59 -4.81 23.35 17.65
N GLY D 60 -3.89 22.67 18.30
CA GLY D 60 -3.24 23.26 19.45
C GLY D 60 -4.28 23.50 20.53
N GLU D 61 -4.47 24.77 20.90
CA GLU D 61 -5.48 25.17 21.87
C GLU D 61 -6.75 25.71 21.22
N GLY D 62 -6.80 25.76 19.90
CA GLY D 62 -7.99 26.20 19.18
C GLY D 62 -8.81 25.03 18.67
N ARG D 63 -10.08 25.33 18.38
CA ARG D 63 -11.02 24.35 17.85
C ARG D 63 -11.38 24.74 16.42
N LEU D 64 -11.45 23.74 15.54
CA LEU D 64 -11.86 23.93 14.15
C LEU D 64 -13.26 23.35 13.98
N ASP D 65 -14.20 24.21 13.59
CA ASP D 65 -15.58 23.77 13.43
C ASP D 65 -15.91 23.54 11.97
N PRO D 66 -16.72 22.54 11.64
CA PRO D 66 -17.07 22.31 10.24
C PRO D 66 -17.86 23.48 9.68
N TYR D 67 -17.70 23.70 8.38
CA TYR D 67 -18.32 24.82 7.69
C TYR D 67 -19.11 24.35 6.48
N TRP D 68 -18.63 23.29 5.83
CA TRP D 68 -19.31 22.75 4.66
C TRP D 68 -18.96 21.27 4.55
N GLY D 69 -19.89 20.48 4.05
CA GLY D 69 -19.63 19.07 3.87
C GLY D 69 -20.64 18.44 2.95
N ASP D 70 -20.23 17.35 2.29
CA ASP D 70 -21.10 16.64 1.38
C ASP D 70 -20.71 15.18 1.42
N VAL D 71 -21.63 14.33 1.90
CA VAL D 71 -21.33 12.92 2.09
C VAL D 71 -21.06 12.23 0.75
N LYS D 72 -21.74 12.65 -0.31
CA LYS D 72 -21.59 11.96 -1.58
C LYS D 72 -20.25 12.27 -2.22
N GLN D 73 -19.84 13.54 -2.19
CA GLN D 73 -18.51 13.91 -2.62
C GLN D 73 -17.44 13.40 -1.66
N ASP D 74 -17.82 13.07 -0.42
CA ASP D 74 -16.91 12.60 0.62
C ASP D 74 -15.89 13.67 1.01
N LEU D 75 -16.35 14.92 1.15
CA LEU D 75 -15.49 16.04 1.49
C LEU D 75 -16.08 16.86 2.63
N VAL D 76 -15.22 17.52 3.39
CA VAL D 76 -15.65 18.46 4.42
C VAL D 76 -14.59 19.53 4.56
N SER D 77 -15.03 20.75 4.86
CA SER D 77 -14.13 21.86 5.13
C SER D 77 -14.42 22.44 6.50
N TYR D 78 -13.38 23.02 7.10
CA TYR D 78 -13.45 23.61 8.43
C TYR D 78 -12.99 25.06 8.38
N CYS D 79 -13.68 25.92 9.11
CA CYS D 79 -13.36 27.33 9.35
C CYS D 79 -13.75 28.21 8.18
N GLY D 80 -14.16 27.65 7.04
CA GLY D 80 -14.50 28.43 5.88
C GLY D 80 -14.85 27.54 4.72
N PRO D 81 -15.20 28.15 3.59
CA PRO D 81 -15.62 27.35 2.43
C PRO D 81 -14.44 26.66 1.77
N TRP D 82 -14.77 25.61 1.02
CA TRP D 82 -13.78 24.89 0.24
C TRP D 82 -13.00 25.85 -0.66
N LYS D 83 -11.67 25.79 -0.56
CA LYS D 83 -10.79 26.74 -1.24
C LYS D 83 -10.07 26.15 -2.45
N LEU D 84 -10.01 24.82 -2.57
CA LEU D 84 -9.18 24.16 -3.57
C LEU D 84 -10.00 23.96 -4.84
N ASP D 85 -9.55 24.55 -5.94
CA ASP D 85 -10.32 24.44 -7.17
C ASP D 85 -9.46 24.14 -8.40
N ALA D 86 -8.17 23.88 -8.23
CA ALA D 86 -7.37 23.41 -9.35
C ALA D 86 -7.89 22.06 -9.83
N ALA D 87 -7.82 21.84 -11.13
CA ALA D 87 -8.32 20.62 -11.75
C ALA D 87 -7.20 19.91 -12.49
N TRP D 88 -7.23 18.59 -12.46
CA TRP D 88 -6.32 17.82 -13.31
C TRP D 88 -6.61 18.14 -14.77
N ASP D 89 -5.56 18.38 -15.55
CA ASP D 89 -5.73 18.77 -16.94
C ASP D 89 -6.02 17.59 -17.85
N GLY D 90 -6.09 16.38 -17.31
CA GLY D 90 -6.41 15.20 -18.09
C GLY D 90 -5.26 14.65 -18.91
N LEU D 91 -4.10 15.25 -18.84
CA LEU D 91 -2.99 15.00 -19.74
C LEU D 91 -1.67 14.78 -19.03
N SER D 92 -1.42 15.52 -17.95
CA SER D 92 -0.11 15.55 -17.32
C SER D 92 -0.05 14.61 -16.12
N GLU D 93 1.19 14.24 -15.78
CA GLU D 93 1.42 13.50 -14.55
C GLU D 93 1.19 14.41 -13.35
N VAL D 94 0.86 13.78 -12.22
CA VAL D 94 0.54 14.45 -10.98
C VAL D 94 1.38 13.78 -9.89
N GLN D 95 1.34 14.35 -8.68
CA GLN D 95 2.03 13.76 -7.55
C GLN D 95 1.08 13.64 -6.37
N LEU D 96 1.02 12.44 -5.79
CA LEU D 96 0.39 12.25 -4.49
C LEU D 96 1.40 12.65 -3.42
N LEU D 97 1.03 13.61 -2.58
CA LEU D 97 1.82 13.94 -1.39
C LEU D 97 1.31 13.03 -0.28
N ALA D 98 1.82 11.81 -0.29
CA ALA D 98 1.32 10.78 0.60
C ALA D 98 1.80 11.03 2.02
N VAL D 99 0.87 11.03 2.97
CA VAL D 99 1.22 11.17 4.38
C VAL D 99 0.76 9.92 5.11
N PRO D 100 1.49 8.80 5.00
CA PRO D 100 1.01 7.56 5.60
C PRO D 100 1.17 7.58 7.10
N PRO D 101 0.33 6.86 7.84
CA PRO D 101 0.53 6.73 9.28
C PRO D 101 1.94 6.24 9.62
N GLY D 102 2.63 6.98 10.47
CA GLY D 102 3.92 6.57 10.97
C GLY D 102 5.08 6.77 10.02
N GLU D 103 4.89 7.51 8.92
CA GLU D 103 5.93 7.72 7.93
C GLU D 103 5.97 9.19 7.52
N ARG D 104 7.19 9.67 7.25
CA ARG D 104 7.36 11.03 6.75
C ARG D 104 6.61 11.20 5.43
N ALA D 105 6.11 12.40 5.20
CA ALA D 105 5.45 12.70 3.93
C ALA D 105 6.40 12.48 2.76
N LYS D 106 5.87 11.94 1.66
CA LYS D 106 6.68 11.70 0.48
C LYS D 106 5.83 11.93 -0.78
N ASN D 107 6.49 12.42 -1.83
CA ASN D 107 5.83 12.68 -3.10
C ASN D 107 5.99 11.48 -4.02
N ILE D 108 4.88 11.03 -4.60
CA ILE D 108 4.86 9.93 -5.55
C ILE D 108 4.22 10.42 -6.84
N GLN D 109 4.95 10.32 -7.94
CA GLN D 109 4.47 10.81 -9.22
C GLN D 109 3.81 9.69 -9.98
N THR D 110 2.78 10.05 -10.75
CA THR D 110 2.00 9.05 -11.47
C THR D 110 1.18 9.73 -12.55
N LEU D 111 0.83 8.96 -13.59
CA LEU D 111 -0.16 9.42 -14.57
C LEU D 111 -1.52 8.84 -14.19
N PRO D 112 -2.50 9.68 -13.84
CA PRO D 112 -3.79 9.14 -13.45
C PRO D 112 -4.45 8.34 -14.57
N GLY D 113 -5.23 7.35 -14.17
CA GLY D 113 -6.23 6.75 -15.02
C GLY D 113 -7.54 7.48 -14.86
N ILE D 114 -8.64 6.78 -15.17
CA ILE D 114 -9.95 7.40 -15.25
C ILE D 114 -10.99 6.52 -14.57
N PHE D 115 -11.79 7.12 -13.70
CA PHE D 115 -13.07 6.58 -13.29
C PHE D 115 -14.12 7.06 -14.29
N LYS D 116 -14.74 6.14 -15.02
CA LYS D 116 -15.81 6.48 -15.94
C LYS D 116 -17.13 6.17 -15.24
N THR D 117 -17.99 7.20 -15.11
CA THR D 117 -19.30 7.07 -14.50
C THR D 117 -20.37 7.54 -15.46
N LYS D 118 -21.62 7.32 -15.06
CA LYS D 118 -22.76 7.77 -15.86
C LYS D 118 -22.85 9.28 -15.95
N ASP D 119 -22.14 10.00 -15.07
CA ASP D 119 -22.20 11.46 -15.02
C ASP D 119 -20.92 12.12 -15.53
N GLY D 120 -20.01 11.36 -16.12
CA GLY D 120 -18.77 11.87 -16.64
C GLY D 120 -17.57 11.17 -16.03
N ASP D 121 -16.39 11.60 -16.46
CA ASP D 121 -15.15 10.98 -16.07
C ASP D 121 -14.48 11.73 -14.92
N ILE D 122 -13.71 10.99 -14.14
CA ILE D 122 -12.95 11.54 -13.02
C ILE D 122 -11.56 10.93 -13.09
N GLY D 123 -10.53 11.76 -12.90
CA GLY D 123 -9.19 11.23 -12.77
C GLY D 123 -9.06 10.33 -11.55
N ALA D 124 -8.16 9.37 -11.64
CA ALA D 124 -7.98 8.38 -10.59
C ALA D 124 -6.52 7.96 -10.55
N VAL D 125 -5.98 7.74 -9.36
CA VAL D 125 -4.58 7.38 -9.19
C VAL D 125 -4.50 5.96 -8.64
N ALA D 126 -3.74 5.11 -9.33
CA ALA D 126 -3.54 3.72 -8.91
C ALA D 126 -2.33 3.64 -7.99
N LEU D 127 -2.53 4.14 -6.77
CA LEU D 127 -1.53 4.15 -5.72
C LEU D 127 -2.19 3.61 -4.46
N ASP D 128 -1.52 2.69 -3.78
CA ASP D 128 -2.10 1.92 -2.69
C ASP D 128 -1.39 2.27 -1.40
N TYR D 129 -2.08 2.98 -0.50
CA TYR D 129 -1.58 3.36 0.81
C TYR D 129 -2.62 3.01 1.87
N PRO D 130 -2.20 2.90 3.13
CA PRO D 130 -3.17 2.57 4.18
C PRO D 130 -4.31 3.58 4.25
N ALA D 131 -5.43 3.12 4.81
CA ALA D 131 -6.64 3.94 4.86
C ALA D 131 -6.43 5.25 5.62
N GLY D 132 -5.51 5.27 6.59
CA GLY D 132 -5.21 6.50 7.30
C GLY D 132 -4.46 7.54 6.50
N THR D 133 -4.07 7.21 5.27
CA THR D 133 -3.54 8.17 4.31
C THR D 133 -4.63 9.00 3.67
N SER D 134 -5.90 8.62 3.87
CA SER D 134 -7.02 9.32 3.28
C SER D 134 -6.97 10.81 3.61
N GLY D 135 -7.15 11.63 2.58
CA GLY D 135 -7.07 13.07 2.71
C GLY D 135 -5.77 13.66 2.25
N SER D 136 -4.80 12.83 1.89
CA SER D 136 -3.53 13.33 1.39
C SER D 136 -3.75 14.05 0.06
N PRO D 137 -3.07 15.18 -0.18
CA PRO D 137 -3.34 15.94 -1.41
C PRO D 137 -2.64 15.38 -2.63
N ILE D 138 -3.31 15.54 -3.77
CA ILE D 138 -2.77 15.25 -5.08
C ILE D 138 -2.49 16.59 -5.75
N LEU D 139 -1.31 16.72 -6.36
CA LEU D 139 -0.79 17.99 -6.82
C LEU D 139 -0.55 17.99 -8.31
N ASP D 140 -0.68 19.18 -8.92
CA ASP D 140 -0.22 19.40 -10.28
C ASP D 140 1.20 19.99 -10.24
N LYS D 141 1.78 20.21 -11.42
CA LYS D 141 3.18 20.63 -11.49
C LYS D 141 3.39 22.03 -10.91
N SER D 142 2.34 22.83 -10.78
CA SER D 142 2.45 24.14 -10.13
C SER D 142 2.40 24.04 -8.61
N GLY D 143 2.24 22.84 -8.05
CA GLY D 143 2.10 22.69 -6.62
C GLY D 143 0.71 22.88 -6.10
N ARG D 144 -0.28 23.07 -6.98
CA ARG D 144 -1.66 23.28 -6.57
C ARG D 144 -2.33 21.94 -6.27
N VAL D 145 -3.22 21.95 -5.26
CA VAL D 145 -3.94 20.73 -4.89
C VAL D 145 -5.10 20.55 -5.85
N ILE D 146 -5.07 19.47 -6.65
CA ILE D 146 -6.13 19.18 -7.59
C ILE D 146 -7.14 18.16 -7.06
N GLY D 147 -6.98 17.72 -5.82
CA GLY D 147 -7.92 16.81 -5.21
C GLY D 147 -7.30 16.10 -4.03
N LEU D 148 -8.13 15.34 -3.33
CA LEU D 148 -7.68 14.55 -2.19
C LEU D 148 -7.81 13.05 -2.47
N TYR D 149 -6.89 12.31 -1.87
CA TYR D 149 -6.77 10.86 -2.03
C TYR D 149 -7.57 10.13 -0.96
N GLY D 150 -8.23 9.05 -1.34
CA GLY D 150 -8.81 8.17 -0.34
C GLY D 150 -10.26 7.74 -0.51
N ASN D 151 -10.92 8.15 -1.59
CA ASN D 151 -12.23 7.60 -1.94
C ASN D 151 -12.08 6.88 -3.27
N GLY D 152 -12.25 5.56 -3.25
CA GLY D 152 -11.93 4.76 -4.41
C GLY D 152 -12.44 3.34 -4.34
N VAL D 153 -11.76 2.44 -5.03
CA VAL D 153 -12.21 1.06 -5.20
C VAL D 153 -11.02 0.11 -5.05
N VAL D 154 -11.29 -1.08 -4.51
CA VAL D 154 -10.35 -2.18 -4.57
C VAL D 154 -10.66 -3.01 -5.80
N ILE D 155 -9.64 -3.29 -6.60
CA ILE D 155 -9.84 -4.01 -7.85
C ILE D 155 -9.47 -5.48 -7.66
N LYS D 156 -9.42 -6.21 -8.77
CA LYS D 156 -9.55 -7.66 -8.70
C LYS D 156 -8.28 -8.33 -8.20
N ASN D 157 -7.13 -7.71 -8.40
CA ASN D 157 -5.87 -8.23 -7.92
C ASN D 157 -5.54 -7.77 -6.51
N GLY D 158 -6.47 -7.11 -5.83
CA GLY D 158 -6.30 -6.70 -4.46
C GLY D 158 -5.81 -5.28 -4.26
N SER D 159 -5.36 -4.61 -5.33
CA SER D 159 -4.83 -3.27 -5.22
C SER D 159 -5.95 -2.24 -5.13
N TYR D 160 -5.57 -0.99 -4.93
CA TYR D 160 -6.49 0.11 -4.67
C TYR D 160 -6.28 1.22 -5.68
N VAL D 161 -7.38 1.79 -6.17
CA VAL D 161 -7.35 2.96 -7.04
C VAL D 161 -8.24 4.02 -6.40
N SER D 162 -7.72 5.24 -6.27
CA SER D 162 -8.43 6.35 -5.65
C SER D 162 -8.88 7.36 -6.69
N ALA D 163 -10.11 7.83 -6.55
CA ALA D 163 -10.52 9.01 -7.32
C ALA D 163 -9.64 10.20 -6.91
N ILE D 164 -9.47 11.13 -7.85
CA ILE D 164 -8.95 12.46 -7.51
C ILE D 164 -10.19 13.28 -7.13
N THR D 165 -10.49 13.34 -5.85
CA THR D 165 -11.73 13.97 -5.37
C THR D 165 -11.47 15.45 -5.11
N GLN D 166 -12.15 16.31 -5.86
CA GLN D 166 -12.02 17.75 -5.73
C GLN D 166 -13.38 18.38 -5.48
N GLY D 167 -13.38 19.46 -4.69
CA GLY D 167 -14.58 20.21 -4.40
C GLY D 167 -14.75 21.41 -5.31
N LYS D 168 -15.73 22.25 -4.97
CA LYS D 168 -16.04 23.46 -5.70
C LYS D 168 -15.74 24.68 -4.84
N ARG D 169 -15.08 25.68 -5.42
CA ARG D 169 -14.83 26.94 -4.73
C ARG D 169 -15.99 27.91 -4.99
C4 A1CD1 E . -7.03 3.77 0.93
C5 A1CD1 E . -7.28 2.45 1.05
C6 A1CD1 E . -6.45 1.26 0.65
C7 A1CD1 E . -5.94 0.49 1.85
C1 A1CD1 E . -10.36 4.43 2.54
C2 A1CD1 E . -9.11 3.90 1.92
C3 A1CD1 E . -8.05 4.60 1.41
N8 A1CD1 E . -4.97 -0.56 1.45
S9 A1CD1 E . -8.83 2.20 1.78
H4 A1CD1 E . -6.20 4.14 0.54
H6B A1CD1 E . -6.97 0.67 0.08
H6A A1CD1 E . -5.68 1.57 0.11
H7B A1CD1 E . -5.47 1.07 2.48
H7A A1CD1 E . -6.66 0.03 2.32
H1A A1CD1 E . -10.33 5.40 2.63
H1C A1CD1 E . -10.49 4.04 3.43
H1B A1CD1 E . -11.14 4.19 2.00
H3 A1CD1 E . -8.02 5.58 1.40
H8B A1CD1 E . -4.26 -0.21 1.05
H8A A1CD1 E . -5.33 -1.14 0.88
C4 A1CD1 F . -20.37 18.91 9.34
C5 A1CD1 F . -21.25 18.30 10.18
C6 A1CD1 F . -21.17 18.13 11.67
C7 A1CD1 F . -21.47 16.73 12.13
C1 A1CD1 F . -22.81 18.21 6.55
C2 A1CD1 F . -22.02 18.35 7.82
C3 A1CD1 F . -20.81 18.93 8.01
N8 A1CD1 F . -21.35 16.61 13.57
S9 A1CD1 F . -22.65 17.76 9.32
H4 A1CD1 F . -19.52 19.28 9.64
H6B A1CD1 F . -20.27 18.38 11.98
H6A A1CD1 F . -21.79 18.76 12.10
H7B A1CD1 F . -22.39 16.46 11.90
H7A A1CD1 F . -20.84 16.08 11.75
H1A A1CD1 F . -22.33 18.61 5.80
H1C A1CD1 F . -23.67 18.66 6.63
H1B A1CD1 F . -22.97 17.27 6.34
H3 A1CD1 F . -20.29 19.33 7.28
H8B A1CD1 F . -20.64 16.16 13.80
H8A A1CD1 F . -22.01 17.01 13.98
#